data_8X3V
#
_entry.id   8X3V
#
_cell.length_a   171.000
_cell.length_b   171.000
_cell.length_c   77.010
_cell.angle_alpha   90.00
_cell.angle_beta   90.00
_cell.angle_gamma   120.00
#
_symmetry.space_group_name_H-M   'P 65 2 2'
#
loop_
_entity.id
_entity.type
_entity.pdbx_description
1 polymer 'Protein 2C'
2 non-polymer "ADENOSINE-5'-TRIPHOSPHATE"
#
_entity_poly.entity_id   1
_entity_poly.type   'polypeptide(L)'
_entity_poly.pdbx_seq_one_letter_code
;ARCEPVVIVLRGDAGQGKSLSSQVIAQAVSKTIFGRQSVYSLPPDSDFFDGYENQFAAIMDDLGQNPDGSDFTTFCQMVS
TTNFLPNMASLERKGTPFTSQLVVATTNLPEFRPVTIAHYPAVERRITFDYSVSAGPVCSKTEAGYKVLDVERAFRPTGE
APLPCFQNNCLFLEKAGLQFRDNRTKEIISLVDVIERAVARIERKKKVLTTVQTLVAQ
;
_entity_poly.pdbx_strand_id   A,B
#
loop_
_chem_comp.id
_chem_comp.type
_chem_comp.name
_chem_comp.formula
ATP non-polymer ADENOSINE-5'-TRIPHOSPHATE 'C10 H16 N5 O13 P3'
#
# COMPACT_ATOMS: atom_id res chain seq x y z
N ARG A 2 -10.62 11.70 -30.13
CA ARG A 2 -10.78 11.15 -28.79
C ARG A 2 -11.73 9.98 -28.79
N CYS A 3 -11.20 8.79 -29.09
CA CYS A 3 -12.03 7.61 -29.05
C CYS A 3 -12.19 7.15 -27.63
N GLU A 4 -13.18 6.31 -27.38
CA GLU A 4 -13.42 5.79 -26.04
C GLU A 4 -12.25 4.90 -25.55
N PRO A 5 -11.69 5.12 -24.32
CA PRO A 5 -10.65 4.19 -23.91
C PRO A 5 -11.21 2.87 -23.43
N VAL A 6 -10.39 1.84 -23.61
CA VAL A 6 -10.66 0.54 -22.99
C VAL A 6 -10.49 0.66 -21.48
N VAL A 7 -11.49 0.23 -20.73
CA VAL A 7 -11.48 0.34 -19.28
C VAL A 7 -11.46 -1.06 -18.70
N ILE A 8 -10.52 -1.31 -17.78
CA ILE A 8 -10.55 -2.50 -16.92
C ILE A 8 -10.77 -2.06 -15.49
N VAL A 9 -11.72 -2.69 -14.83
CA VAL A 9 -11.93 -2.50 -13.40
C VAL A 9 -11.55 -3.79 -12.69
N LEU A 10 -10.74 -3.68 -11.64
CA LEU A 10 -10.26 -4.81 -10.86
C LEU A 10 -10.87 -4.70 -9.49
N ARG A 11 -11.78 -5.60 -9.15
CA ARG A 11 -12.39 -5.65 -7.83
C ARG A 11 -11.66 -6.64 -6.93
N GLY A 12 -11.57 -6.33 -5.65
CA GLY A 12 -11.01 -7.33 -4.75
C GLY A 12 -10.80 -6.81 -3.36
N ASP A 13 -10.55 -7.76 -2.45
CA ASP A 13 -10.19 -7.54 -1.06
C ASP A 13 -8.73 -7.17 -0.96
N ALA A 14 -8.30 -6.84 0.26
CA ALA A 14 -6.94 -6.38 0.45
C ALA A 14 -5.96 -7.54 0.29
N GLY A 15 -4.73 -7.18 -0.05
CA GLY A 15 -3.63 -8.12 -0.19
C GLY A 15 -3.82 -9.18 -1.25
N GLN A 16 -4.67 -8.95 -2.26
CA GLN A 16 -4.78 -9.85 -3.39
C GLN A 16 -3.99 -9.40 -4.62
N GLY A 17 -3.29 -8.27 -4.57
CA GLY A 17 -2.52 -7.84 -5.72
C GLY A 17 -3.24 -6.94 -6.70
N LYS A 18 -4.41 -6.40 -6.34
CA LYS A 18 -5.12 -5.45 -7.19
C LYS A 18 -4.22 -4.38 -7.80
N SER A 19 -3.42 -3.71 -6.97
CA SER A 19 -2.65 -2.58 -7.48
C SER A 19 -1.44 -3.08 -8.24
N LEU A 20 -0.73 -4.07 -7.69
CA LEU A 20 0.31 -4.72 -8.46
C LEU A 20 -0.18 -5.09 -9.84
N SER A 21 -1.33 -5.77 -9.90
CA SER A 21 -1.91 -6.15 -11.18
C SER A 21 -2.21 -4.93 -12.04
N SER A 22 -2.81 -3.91 -11.46
CA SER A 22 -3.12 -2.71 -12.24
C SER A 22 -1.88 -2.19 -12.92
N GLN A 23 -0.84 -1.91 -12.14
CA GLN A 23 0.47 -1.56 -12.67
C GLN A 23 0.96 -2.53 -13.73
N VAL A 24 0.97 -3.82 -13.44
CA VAL A 24 1.57 -4.76 -14.38
C VAL A 24 0.63 -4.97 -15.58
N ILE A 25 -0.66 -4.73 -15.44
CA ILE A 25 -1.48 -4.74 -16.65
C ILE A 25 -1.20 -3.50 -17.49
N ALA A 26 -1.03 -2.34 -16.84
CA ALA A 26 -0.80 -1.11 -17.59
C ALA A 26 0.57 -1.15 -18.28
N GLN A 27 1.62 -1.55 -17.55
CA GLN A 27 2.94 -1.63 -18.16
C GLN A 27 2.95 -2.60 -19.32
N ALA A 28 2.22 -3.71 -19.23
CA ALA A 28 2.40 -4.74 -20.23
C ALA A 28 1.52 -4.54 -21.44
N VAL A 29 0.32 -3.98 -21.26
CA VAL A 29 -0.47 -3.64 -22.42
C VAL A 29 0.18 -2.50 -23.18
N SER A 30 0.61 -1.45 -22.46
CA SER A 30 1.19 -0.30 -23.14
C SER A 30 2.54 -0.63 -23.74
N LYS A 31 3.35 -1.42 -23.04
CA LYS A 31 4.59 -1.86 -23.69
C LYS A 31 4.29 -2.66 -24.94
N THR A 32 3.22 -3.45 -24.95
CA THR A 32 3.02 -4.32 -26.10
C THR A 32 2.58 -3.53 -27.32
N ILE A 33 1.71 -2.54 -27.13
CA ILE A 33 1.13 -1.77 -28.24
C ILE A 33 1.85 -0.46 -28.53
N PHE A 34 2.00 0.38 -27.50
CA PHE A 34 2.70 1.64 -27.64
C PHE A 34 4.19 1.38 -27.80
N GLY A 35 4.66 0.17 -27.49
CA GLY A 35 6.08 -0.15 -27.60
C GLY A 35 6.93 0.23 -26.41
N ARG A 36 6.37 0.89 -25.41
CA ARG A 36 7.06 1.21 -24.18
C ARG A 36 6.06 1.24 -23.04
N GLN A 37 6.55 1.09 -21.83
CA GLN A 37 5.69 1.41 -20.71
C GLN A 37 5.30 2.86 -20.84
N SER A 38 4.04 3.16 -20.54
CA SER A 38 3.55 4.54 -20.52
C SER A 38 2.36 4.54 -19.57
N VAL A 39 2.65 4.74 -18.29
CA VAL A 39 1.64 4.56 -17.25
C VAL A 39 1.61 5.86 -16.45
N TYR A 40 0.41 6.44 -16.30
CA TYR A 40 0.17 7.49 -15.32
C TYR A 40 -0.67 6.94 -14.19
N SER A 41 -0.21 7.14 -12.96
CA SER A 41 -0.99 6.74 -11.80
C SER A 41 -1.60 7.97 -11.19
N LEU A 42 -2.93 8.03 -11.17
CA LEU A 42 -3.63 9.16 -10.58
C LEU A 42 -3.24 9.40 -9.15
N PRO A 43 -3.17 10.66 -8.76
CA PRO A 43 -2.79 10.81 -7.36
C PRO A 43 -3.97 10.56 -6.38
N PRO A 44 -3.72 10.09 -5.13
CA PRO A 44 -4.91 9.86 -4.29
C PRO A 44 -5.35 11.12 -3.57
N ASP A 45 -6.59 11.52 -3.76
CA ASP A 45 -7.12 12.77 -3.17
C ASP A 45 -6.42 14.03 -3.61
N SER A 46 -6.26 14.19 -4.91
CA SER A 46 -5.67 15.39 -5.48
C SER A 46 -6.38 15.44 -6.79
N ASP A 47 -7.20 16.46 -7.00
CA ASP A 47 -7.92 16.61 -8.25
C ASP A 47 -6.91 17.37 -9.06
N PHE A 48 -5.75 16.78 -9.30
CA PHE A 48 -4.65 17.46 -9.95
C PHE A 48 -3.94 16.32 -10.69
N PHE A 49 -4.07 16.32 -12.01
CA PHE A 49 -3.40 15.32 -12.84
C PHE A 49 -2.14 16.11 -13.18
N ASP A 50 -1.36 16.46 -12.16
CA ASP A 50 -0.07 17.07 -12.40
C ASP A 50 0.83 15.86 -12.47
N GLY A 51 1.56 15.77 -13.58
CA GLY A 51 2.30 14.57 -13.94
C GLY A 51 1.78 13.92 -15.21
N TYR A 52 0.52 14.16 -15.55
CA TYR A 52 -0.07 13.57 -16.75
C TYR A 52 0.59 14.15 -17.98
N GLU A 53 1.22 13.29 -18.76
CA GLU A 53 1.81 13.69 -20.03
C GLU A 53 1.27 12.70 -21.05
N ASN A 54 -0.05 12.69 -21.22
CA ASN A 54 -0.72 11.87 -22.24
C ASN A 54 -0.22 10.43 -22.32
N GLN A 55 0.01 9.81 -21.16
CA GLN A 55 0.51 8.44 -21.14
C GLN A 55 -0.54 7.49 -21.71
N PHE A 56 -0.06 6.35 -22.21
CA PHE A 56 -0.95 5.39 -22.86
C PHE A 56 -2.00 4.86 -21.88
N ALA A 57 -1.58 4.57 -20.66
CA ALA A 57 -2.44 3.94 -19.66
C ALA A 57 -2.50 4.81 -18.42
N ALA A 58 -3.65 4.84 -17.78
CA ALA A 58 -3.83 5.64 -16.58
C ALA A 58 -4.50 4.77 -15.53
N ILE A 59 -4.04 4.88 -14.29
CA ILE A 59 -4.46 4.00 -13.21
C ILE A 59 -5.19 4.82 -12.17
N MET A 60 -6.34 4.30 -11.72
CA MET A 60 -7.09 4.80 -10.57
C MET A 60 -7.05 3.77 -9.45
N ASP A 61 -6.51 4.15 -8.31
CA ASP A 61 -6.60 3.27 -7.15
C ASP A 61 -7.86 3.60 -6.34
N ASP A 62 -8.58 2.55 -5.96
CA ASP A 62 -9.63 2.61 -4.93
C ASP A 62 -10.75 3.55 -5.35
N LEU A 63 -11.29 3.30 -6.53
CA LEU A 63 -12.59 3.82 -6.90
C LEU A 63 -13.61 3.41 -5.84
N GLY A 64 -14.51 4.33 -5.49
CA GLY A 64 -15.44 4.05 -4.42
C GLY A 64 -14.75 3.98 -3.07
N GLN A 65 -13.84 4.90 -2.83
CA GLN A 65 -13.22 5.09 -1.53
C GLN A 65 -13.25 6.52 -1.02
N ASN A 66 -13.37 7.49 -1.94
CA ASN A 66 -13.43 8.89 -1.56
C ASN A 66 -14.87 9.14 -1.26
N PRO A 67 -15.18 9.54 -0.02
CA PRO A 67 -16.57 9.71 0.36
C PRO A 67 -17.32 10.77 -0.45
N ASP A 68 -16.62 11.80 -0.89
CA ASP A 68 -17.29 12.88 -1.60
C ASP A 68 -17.66 12.54 -3.03
N GLY A 69 -16.82 11.77 -3.71
CA GLY A 69 -17.07 11.48 -5.10
C GLY A 69 -16.28 12.32 -6.06
N SER A 70 -15.15 12.85 -5.60
CA SER A 70 -14.28 13.60 -6.50
C SER A 70 -13.80 12.56 -7.46
N ASP A 71 -13.79 11.31 -7.02
CA ASP A 71 -13.42 10.20 -7.89
C ASP A 71 -14.75 9.83 -8.46
N PHE A 72 -14.84 8.82 -9.31
CA PHE A 72 -16.10 8.48 -9.97
C PHE A 72 -16.40 9.54 -10.99
N THR A 73 -16.48 10.81 -10.61
CA THR A 73 -16.70 11.87 -11.57
C THR A 73 -15.44 12.02 -12.36
N THR A 74 -14.30 12.06 -11.68
CA THR A 74 -13.04 12.12 -12.39
C THR A 74 -13.07 10.94 -13.32
N PHE A 75 -13.42 9.79 -12.78
CA PHE A 75 -13.44 8.58 -13.60
C PHE A 75 -14.43 8.68 -14.75
N CYS A 76 -15.63 9.20 -14.50
CA CYS A 76 -16.65 9.34 -15.55
C CYS A 76 -16.12 10.20 -16.68
N GLN A 77 -15.51 11.33 -16.34
CA GLN A 77 -14.95 12.23 -17.35
C GLN A 77 -13.83 11.56 -18.12
N MET A 78 -13.13 10.61 -17.51
CA MET A 78 -11.98 9.96 -18.12
C MET A 78 -12.37 9.00 -19.20
N VAL A 79 -13.64 8.81 -19.55
CA VAL A 79 -13.96 7.85 -20.62
C VAL A 79 -15.12 8.34 -21.50
N SER A 80 -15.64 9.53 -21.22
CA SER A 80 -16.53 10.19 -22.18
C SER A 80 -15.72 10.60 -23.42
N THR A 81 -16.24 10.26 -24.61
CA THR A 81 -15.52 10.55 -25.86
C THR A 81 -15.23 12.04 -26.02
N THR A 82 -15.86 12.87 -25.20
CA THR A 82 -15.61 14.31 -25.11
C THR A 82 -14.25 14.60 -24.48
N ASN A 83 -13.83 15.85 -24.48
CA ASN A 83 -12.51 16.21 -23.96
C ASN A 83 -12.41 16.66 -22.50
N PHE A 84 -11.92 15.76 -21.66
CA PHE A 84 -11.58 16.10 -20.30
C PHE A 84 -10.33 16.98 -20.28
N LEU A 85 -10.29 17.90 -19.31
CA LEU A 85 -9.14 18.79 -19.14
C LEU A 85 -8.77 18.82 -17.66
N PRO A 86 -7.81 17.99 -17.26
CA PRO A 86 -7.43 17.91 -15.85
C PRO A 86 -6.60 19.09 -15.41
N ASN A 87 -6.78 19.50 -14.16
CA ASN A 87 -6.23 20.76 -13.69
C ASN A 87 -4.70 20.73 -13.71
N MET A 88 -4.11 21.92 -13.68
CA MET A 88 -2.66 22.08 -13.79
C MET A 88 -2.13 23.09 -12.78
N GLY A 95 -2.87 23.52 -19.50
CA GLY A 95 -4.09 22.84 -19.90
C GLY A 95 -3.79 21.67 -20.81
N THR A 96 -3.47 20.53 -20.21
CA THR A 96 -3.09 19.37 -21.00
C THR A 96 -4.35 18.48 -21.32
N PRO A 97 -4.47 17.90 -22.55
CA PRO A 97 -5.68 17.11 -22.80
C PRO A 97 -5.51 15.63 -22.44
N PHE A 98 -6.66 14.96 -22.23
CA PHE A 98 -6.71 13.59 -21.73
C PHE A 98 -6.98 12.60 -22.87
N THR A 99 -6.01 11.73 -23.15
CA THR A 99 -6.00 10.95 -24.38
C THR A 99 -5.70 9.47 -24.18
N SER A 100 -5.62 8.99 -22.94
CA SER A 100 -5.10 7.65 -22.66
C SER A 100 -6.03 6.58 -23.24
N GLN A 101 -5.45 5.59 -23.92
CA GLN A 101 -6.27 4.57 -24.58
C GLN A 101 -6.66 3.44 -23.63
N LEU A 102 -6.05 3.37 -22.45
CA LEU A 102 -6.33 2.33 -21.47
C LEU A 102 -6.53 2.99 -20.11
N VAL A 103 -7.59 2.61 -19.41
CA VAL A 103 -7.85 3.05 -18.05
C VAL A 103 -8.03 1.83 -17.18
N VAL A 104 -7.28 1.77 -16.09
CA VAL A 104 -7.34 0.68 -15.12
C VAL A 104 -7.70 1.28 -13.79
N ALA A 105 -8.70 0.73 -13.12
CA ALA A 105 -9.10 1.25 -11.82
C ALA A 105 -9.41 0.10 -10.87
N THR A 106 -8.98 0.25 -9.63
CA THR A 106 -9.22 -0.77 -8.63
C THR A 106 -10.21 -0.24 -7.61
N THR A 107 -10.83 -1.17 -6.88
CA THR A 107 -11.91 -0.84 -5.97
C THR A 107 -12.11 -2.00 -5.02
N ASN A 108 -12.70 -1.69 -3.85
CA ASN A 108 -13.07 -2.69 -2.85
C ASN A 108 -14.49 -3.16 -3.00
N LEU A 109 -15.29 -2.47 -3.77
CA LEU A 109 -16.71 -2.73 -3.79
C LEU A 109 -17.02 -3.94 -4.68
N PRO A 110 -17.68 -4.98 -4.16
CA PRO A 110 -18.11 -6.08 -5.03
C PRO A 110 -18.98 -5.64 -6.20
N GLU A 111 -19.79 -4.61 -6.03
CA GLU A 111 -20.49 -3.98 -7.15
C GLU A 111 -20.43 -2.48 -6.93
N PHE A 112 -21.05 -1.72 -7.82
CA PHE A 112 -21.06 -0.27 -7.71
C PHE A 112 -22.42 0.26 -7.28
N ARG A 113 -22.41 1.19 -6.32
CA ARG A 113 -23.58 1.94 -5.86
C ARG A 113 -23.18 3.26 -5.22
N PRO A 114 -22.79 4.27 -6.03
CA PRO A 114 -22.31 5.56 -5.48
C PRO A 114 -23.46 6.54 -5.29
N ALA A 118 -26.80 6.63 -9.04
CA ALA A 118 -27.92 6.96 -9.91
C ALA A 118 -27.48 6.91 -11.33
N HIS A 119 -26.33 7.51 -11.60
CA HIS A 119 -25.82 7.48 -12.95
C HIS A 119 -24.72 6.43 -13.10
N TYR A 120 -24.68 5.48 -12.17
CA TYR A 120 -23.71 4.39 -12.31
C TYR A 120 -23.88 3.41 -13.49
N PRO A 121 -25.12 3.06 -13.87
CA PRO A 121 -25.16 2.16 -15.04
C PRO A 121 -24.75 2.88 -16.31
N ALA A 122 -24.87 4.20 -16.32
CA ALA A 122 -24.47 4.97 -17.50
C ALA A 122 -22.97 4.86 -17.72
N VAL A 123 -22.20 4.72 -16.63
CA VAL A 123 -20.81 4.31 -16.75
C VAL A 123 -20.71 2.88 -17.26
N GLU A 124 -21.43 1.95 -16.62
CA GLU A 124 -21.11 0.53 -16.77
C GLU A 124 -21.00 0.04 -18.23
N ARG A 125 -21.58 0.75 -19.22
CA ARG A 125 -21.17 0.52 -20.59
C ARG A 125 -19.72 0.87 -20.88
N ARG A 126 -19.25 1.97 -20.29
CA ARG A 126 -17.88 2.42 -20.45
C ARG A 126 -16.88 1.36 -19.98
N ILE A 127 -17.27 0.56 -18.99
CA ILE A 127 -16.39 -0.42 -18.36
C ILE A 127 -16.32 -1.64 -19.27
N THR A 128 -15.19 -1.81 -19.96
CA THR A 128 -15.05 -2.92 -20.90
C THR A 128 -14.97 -4.27 -20.18
N PHE A 129 -14.06 -4.37 -19.19
CA PHE A 129 -13.74 -5.60 -18.49
C PHE A 129 -13.94 -5.42 -17.00
N ASP A 130 -14.72 -6.30 -16.38
CA ASP A 130 -14.97 -6.27 -14.95
C ASP A 130 -14.41 -7.55 -14.33
N TYR A 131 -13.33 -7.43 -13.56
CA TYR A 131 -12.67 -8.59 -12.97
C TYR A 131 -12.63 -8.45 -11.46
N SER A 132 -12.91 -9.55 -10.76
CA SER A 132 -12.64 -9.68 -9.33
C SER A 132 -11.37 -10.49 -9.14
N VAL A 133 -10.44 -9.95 -8.36
CA VAL A 133 -9.11 -10.53 -8.16
C VAL A 133 -9.04 -11.28 -6.82
N SER A 134 -8.35 -12.41 -6.82
CA SER A 134 -8.07 -13.16 -5.59
C SER A 134 -6.91 -14.10 -5.82
N ALA A 135 -6.08 -14.29 -4.81
CA ALA A 135 -4.89 -15.14 -4.95
C ALA A 135 -5.28 -16.52 -5.44
N GLY A 136 -4.47 -17.06 -6.36
CA GLY A 136 -4.66 -18.40 -6.84
C GLY A 136 -4.33 -19.46 -5.79
N PRO A 137 -4.78 -20.69 -6.01
CA PRO A 137 -4.70 -21.70 -4.94
C PRO A 137 -3.29 -22.01 -4.50
N VAL A 138 -2.26 -21.85 -5.33
CA VAL A 138 -0.94 -22.27 -4.88
C VAL A 138 -0.03 -21.09 -4.68
N CYS A 139 -0.60 -19.88 -4.58
CA CYS A 139 0.08 -18.73 -4.02
C CYS A 139 -0.78 -18.06 -2.97
N SER A 140 -1.62 -18.83 -2.29
CA SER A 140 -2.43 -18.28 -1.22
C SER A 140 -1.74 -18.60 0.09
N LYS A 141 -1.67 -17.60 0.96
CA LYS A 141 -0.92 -17.63 2.20
C LYS A 141 -1.83 -17.10 3.29
N THR A 142 -1.46 -17.24 4.53
CA THR A 142 -2.21 -16.61 5.60
C THR A 142 -1.31 -15.64 6.36
N GLU A 143 -1.85 -14.45 6.63
CA GLU A 143 -1.06 -13.39 7.24
C GLU A 143 -1.96 -12.60 8.18
N ALA A 144 -1.67 -12.67 9.48
CA ALA A 144 -2.55 -12.15 10.52
C ALA A 144 -3.93 -12.76 10.42
N GLY A 145 -3.99 -14.04 10.04
CA GLY A 145 -5.26 -14.75 9.92
C GLY A 145 -6.08 -14.44 8.68
N TYR A 146 -5.53 -13.74 7.69
CA TYR A 146 -6.24 -13.43 6.45
C TYR A 146 -5.61 -14.19 5.27
N LYS A 147 -6.45 -14.54 4.31
CA LYS A 147 -5.95 -15.13 3.07
C LYS A 147 -5.41 -14.04 2.17
N VAL A 148 -4.17 -14.19 1.71
CA VAL A 148 -3.52 -13.17 0.90
C VAL A 148 -2.63 -13.84 -0.15
N LEU A 149 -2.33 -13.08 -1.20
CA LEU A 149 -1.41 -13.55 -2.22
C LEU A 149 -0.03 -13.78 -1.64
N ASP A 150 0.51 -14.95 -1.89
CA ASP A 150 1.87 -15.31 -1.48
C ASP A 150 2.74 -14.60 -2.52
N VAL A 151 3.36 -13.52 -2.07
CA VAL A 151 4.13 -12.66 -2.94
C VAL A 151 5.51 -13.29 -3.18
N GLU A 152 6.12 -13.85 -2.14
CA GLU A 152 7.43 -14.46 -2.31
C GLU A 152 7.37 -15.61 -3.33
N ARG A 153 6.33 -16.44 -3.25
CA ARG A 153 6.20 -17.59 -4.14
C ARG A 153 5.77 -17.19 -5.55
N ALA A 154 4.96 -16.15 -5.69
CA ALA A 154 4.37 -15.84 -6.97
C ALA A 154 5.32 -15.14 -7.94
N PHE A 155 6.52 -14.76 -7.51
CA PHE A 155 7.44 -14.10 -8.41
C PHE A 155 8.66 -14.92 -8.72
N ARG A 156 8.84 -16.07 -8.09
CA ARG A 156 9.97 -16.93 -8.43
C ARG A 156 9.90 -17.24 -9.92
N PRO A 157 10.97 -17.00 -10.66
CA PRO A 157 10.95 -17.28 -12.12
C PRO A 157 10.66 -18.74 -12.42
N THR A 158 9.76 -18.98 -13.38
CA THR A 158 9.40 -20.35 -13.70
C THR A 158 9.60 -20.70 -15.17
N GLY A 159 10.42 -19.92 -15.92
CA GLY A 159 10.75 -20.24 -17.31
C GLY A 159 10.61 -19.05 -18.26
N GLU A 160 10.59 -19.35 -19.57
CA GLU A 160 10.58 -18.29 -20.56
C GLU A 160 9.23 -17.55 -20.52
N ALA A 161 9.30 -16.23 -20.70
CA ALA A 161 8.13 -15.40 -20.52
C ALA A 161 7.00 -15.84 -21.45
N PRO A 162 5.75 -15.75 -20.98
CA PRO A 162 4.64 -16.14 -21.84
C PRO A 162 4.21 -15.08 -22.82
N LEU A 163 4.75 -13.86 -22.73
CA LEU A 163 4.65 -12.83 -23.76
C LEU A 163 5.96 -12.04 -23.80
N PRO A 164 6.29 -11.44 -24.94
CA PRO A 164 7.58 -10.75 -25.06
C PRO A 164 7.80 -9.62 -24.09
N CYS A 165 6.75 -8.96 -23.62
CA CYS A 165 6.96 -7.80 -22.76
C CYS A 165 7.32 -8.20 -21.34
N PHE A 166 7.30 -9.49 -21.05
CA PHE A 166 7.72 -10.01 -19.75
C PHE A 166 9.13 -10.56 -19.87
N GLN A 167 9.89 -10.42 -18.80
CA GLN A 167 11.25 -10.92 -18.81
C GLN A 167 11.35 -12.38 -18.45
N ASN A 168 10.26 -12.98 -17.93
CA ASN A 168 10.21 -14.40 -17.57
C ASN A 168 8.78 -14.71 -17.16
N ASN A 169 8.53 -15.98 -16.88
CA ASN A 169 7.24 -16.41 -16.36
C ASN A 169 7.36 -16.50 -14.83
N CYS A 170 6.20 -16.55 -14.17
CA CYS A 170 6.08 -16.74 -12.73
C CYS A 170 4.60 -16.92 -12.41
N LEU A 171 4.31 -17.39 -11.20
CA LEU A 171 2.94 -17.82 -10.94
C LEU A 171 1.99 -16.65 -10.83
N PHE A 172 2.50 -15.48 -10.53
CA PHE A 172 1.73 -14.26 -10.63
C PHE A 172 1.00 -14.23 -11.98
N LEU A 173 1.68 -14.66 -13.02
CA LEU A 173 1.12 -14.60 -14.36
C LEU A 173 0.14 -15.73 -14.67
N GLU A 174 -0.10 -16.69 -13.77
CA GLU A 174 -0.92 -17.87 -14.08
C GLU A 174 -2.09 -18.01 -13.12
N LYS A 175 -3.21 -18.57 -13.59
CA LYS A 175 -4.35 -18.61 -12.68
C LYS A 175 -4.10 -19.50 -11.48
N ALA A 176 -3.03 -20.30 -11.48
CA ALA A 176 -2.67 -21.00 -10.26
C ALA A 176 -2.15 -20.05 -9.20
N GLY A 177 -1.59 -18.92 -9.60
CA GLY A 177 -0.99 -17.99 -8.66
C GLY A 177 -1.92 -16.88 -8.27
N LEU A 178 -2.63 -16.35 -9.25
CA LEU A 178 -3.51 -15.20 -9.12
C LEU A 178 -4.67 -15.41 -10.08
N GLN A 179 -5.88 -15.17 -9.62
CA GLN A 179 -7.06 -15.48 -10.41
C GLN A 179 -7.85 -14.22 -10.71
N PHE A 180 -8.24 -14.05 -11.97
CA PHE A 180 -9.10 -12.96 -12.39
C PHE A 180 -10.41 -13.57 -12.87
N ARG A 181 -11.49 -13.31 -12.14
CA ARG A 181 -12.80 -13.86 -12.51
C ARG A 181 -13.55 -12.81 -13.29
N ASP A 182 -13.88 -13.12 -14.54
CA ASP A 182 -14.62 -12.19 -15.40
C ASP A 182 -16.05 -12.10 -14.89
N ASN A 183 -16.41 -10.93 -14.36
CA ASN A 183 -17.68 -10.83 -13.64
C ASN A 183 -18.89 -11.00 -14.56
N ARG A 184 -18.68 -10.98 -15.87
CA ARG A 184 -19.76 -11.17 -16.82
C ARG A 184 -19.77 -12.54 -17.48
N THR A 185 -18.64 -13.03 -17.98
CA THR A 185 -18.62 -14.38 -18.52
C THR A 185 -18.50 -15.42 -17.41
N LYS A 186 -18.22 -15.00 -16.16
CA LYS A 186 -17.96 -15.88 -15.01
C LYS A 186 -16.89 -16.90 -15.36
N GLU A 187 -16.09 -16.59 -16.37
CA GLU A 187 -14.91 -17.34 -16.73
C GLU A 187 -13.82 -16.88 -15.76
N ILE A 188 -12.80 -17.71 -15.61
CA ILE A 188 -11.70 -17.44 -14.68
C ILE A 188 -10.39 -17.47 -15.45
N ILE A 189 -9.73 -16.32 -15.57
CA ILE A 189 -8.58 -16.19 -16.42
C ILE A 189 -7.38 -15.73 -15.59
N SER A 190 -6.18 -15.88 -16.17
CA SER A 190 -4.91 -15.43 -15.64
C SER A 190 -4.65 -13.96 -15.96
N LEU A 191 -3.59 -13.40 -15.37
CA LEU A 191 -3.25 -12.02 -15.69
C LEU A 191 -2.80 -11.92 -17.12
N VAL A 192 -2.17 -12.96 -17.64
CA VAL A 192 -1.78 -12.95 -19.04
C VAL A 192 -3.00 -12.86 -19.94
N ASP A 193 -4.01 -13.70 -19.69
CA ASP A 193 -5.28 -13.55 -20.39
C ASP A 193 -5.83 -12.12 -20.28
N VAL A 194 -5.91 -11.58 -19.05
CA VAL A 194 -6.41 -10.22 -18.88
C VAL A 194 -5.73 -9.28 -19.86
N ILE A 195 -4.43 -9.48 -20.04
CA ILE A 195 -3.68 -8.61 -20.93
C ILE A 195 -4.08 -8.86 -22.38
N GLU A 196 -3.97 -10.12 -22.80
CA GLU A 196 -4.25 -10.48 -24.19
C GLU A 196 -5.62 -9.97 -24.62
N ARG A 197 -6.63 -10.16 -23.77
CA ARG A 197 -7.96 -9.66 -24.09
C ARG A 197 -7.94 -8.14 -24.22
N ALA A 198 -7.29 -7.45 -23.29
CA ALA A 198 -7.21 -6.01 -23.39
C ALA A 198 -6.48 -5.60 -24.65
N VAL A 199 -5.47 -6.37 -25.06
CA VAL A 199 -4.69 -5.97 -26.22
C VAL A 199 -5.49 -6.18 -27.51
N ALA A 200 -6.05 -7.38 -27.69
CA ALA A 200 -6.97 -7.67 -28.77
C ALA A 200 -7.98 -6.55 -28.98
N ARG A 201 -8.70 -6.20 -27.91
CA ARG A 201 -9.75 -5.18 -28.02
C ARG A 201 -9.19 -3.85 -28.49
N ILE A 202 -7.98 -3.51 -28.08
CA ILE A 202 -7.41 -2.25 -28.53
C ILE A 202 -7.03 -2.34 -30.01
N GLU A 203 -6.39 -3.43 -30.41
CA GLU A 203 -6.07 -3.61 -31.83
C GLU A 203 -7.33 -3.54 -32.69
N ARG A 204 -8.43 -4.07 -32.17
CA ARG A 204 -9.72 -3.99 -32.86
C ARG A 204 -10.16 -2.53 -32.98
N LYS A 205 -10.19 -1.80 -31.87
CA LYS A 205 -10.53 -0.38 -31.90
C LYS A 205 -9.63 0.39 -32.86
N LYS A 206 -8.38 -0.02 -33.01
CA LYS A 206 -7.52 0.66 -33.96
C LYS A 206 -7.77 0.20 -35.40
N LYS A 207 -8.13 -1.07 -35.61
CA LYS A 207 -8.50 -1.50 -36.96
C LYS A 207 -9.75 -0.75 -37.43
N VAL A 208 -10.75 -0.64 -36.56
CA VAL A 208 -11.98 0.06 -36.91
C VAL A 208 -11.66 1.52 -37.22
N LEU A 209 -10.96 2.18 -36.31
CA LEU A 209 -10.66 3.60 -36.45
C LEU A 209 -9.94 3.86 -37.77
N THR A 210 -9.03 2.97 -38.16
CA THR A 210 -8.32 3.15 -39.42
C THR A 210 -9.27 3.04 -40.60
N THR A 211 -10.23 2.12 -40.52
CA THR A 211 -11.18 2.01 -41.60
C THR A 211 -12.05 3.26 -41.73
N VAL A 212 -12.14 4.07 -40.68
CA VAL A 212 -13.00 5.25 -40.65
C VAL A 212 -12.27 6.49 -41.16
N GLN A 213 -10.97 6.59 -40.96
CA GLN A 213 -10.25 7.74 -41.48
C GLN A 213 -9.69 7.49 -42.86
N THR A 214 -9.78 6.25 -43.32
CA THR A 214 -9.38 5.94 -44.70
C THR A 214 -10.55 5.90 -45.66
N LEU A 215 -11.76 6.05 -45.15
CA LEU A 215 -12.96 5.97 -46.00
C LEU A 215 -13.09 7.08 -47.01
N VAL A 216 -12.95 8.32 -46.57
CA VAL A 216 -13.00 9.45 -47.48
C VAL A 216 -11.60 9.64 -47.95
N ALA A 217 -11.41 9.82 -49.24
CA ALA A 217 -10.06 9.91 -49.76
C ALA A 217 -9.39 11.20 -49.44
N GLN A 218 -8.09 11.23 -49.60
CA GLN A 218 -7.35 12.42 -49.25
C GLN A 218 -6.88 13.12 -50.51
N CYS B 3 9.28 4.52 -2.64
CA CYS B 3 8.06 3.85 -2.19
C CYS B 3 7.34 4.65 -1.08
N GLU B 4 7.11 4.01 0.07
CA GLU B 4 6.25 4.53 1.12
C GLU B 4 6.41 3.63 2.34
N PRO B 5 6.42 4.20 3.55
CA PRO B 5 6.89 3.46 4.72
C PRO B 5 5.75 2.74 5.40
N VAL B 6 6.09 1.62 6.04
CA VAL B 6 5.18 0.99 6.98
C VAL B 6 5.12 1.83 8.25
N VAL B 7 3.90 2.18 8.67
CA VAL B 7 3.72 3.03 9.84
C VAL B 7 3.08 2.19 10.94
N ILE B 8 3.70 2.21 12.13
CA ILE B 8 3.11 1.63 13.33
C ILE B 8 2.79 2.76 14.30
N VAL B 9 1.57 2.78 14.82
CA VAL B 9 1.18 3.69 15.88
C VAL B 9 0.95 2.87 17.13
N LEU B 10 1.64 3.22 18.21
CA LEU B 10 1.46 2.61 19.52
C LEU B 10 0.70 3.57 20.42
N ARG B 11 -0.58 3.30 20.62
CA ARG B 11 -1.35 4.17 21.46
C ARG B 11 -1.21 3.52 22.78
N GLY B 12 -1.69 4.17 23.79
CA GLY B 12 -1.66 3.49 25.05
C GLY B 12 -1.39 4.46 26.14
N ASP B 13 -1.56 3.96 27.35
CA ASP B 13 -1.27 4.79 28.50
C ASP B 13 0.23 5.01 28.64
N ALA B 14 0.58 5.93 29.52
CA ALA B 14 1.98 6.19 29.80
C ALA B 14 2.50 5.21 30.83
N GLY B 15 3.81 4.97 30.80
CA GLY B 15 4.41 3.99 31.67
C GLY B 15 3.92 2.58 31.43
N GLN B 16 3.39 2.31 30.23
CA GLN B 16 2.96 1.00 29.78
C GLN B 16 3.96 0.37 28.82
N GLY B 17 5.10 1.00 28.59
CA GLY B 17 6.04 0.48 27.63
C GLY B 17 5.85 1.00 26.23
N LYS B 18 5.11 2.10 26.05
CA LYS B 18 5.08 2.79 24.76
C LYS B 18 6.46 3.10 24.23
N SER B 19 7.25 3.84 25.01
CA SER B 19 8.59 4.18 24.57
C SER B 19 9.37 2.90 24.34
N LEU B 20 9.42 2.04 25.36
CA LEU B 20 10.31 0.90 25.33
C LEU B 20 9.99 -0.04 24.18
N SER B 21 8.72 -0.38 23.97
CA SER B 21 8.39 -1.26 22.87
C SER B 21 8.67 -0.57 21.54
N SER B 22 8.35 0.72 21.42
CA SER B 22 8.65 1.42 20.17
C SER B 22 10.12 1.30 19.81
N GLN B 23 11.01 1.27 20.81
CA GLN B 23 12.44 1.13 20.54
C GLN B 23 12.80 -0.31 20.21
N VAL B 24 12.25 -1.28 20.96
CA VAL B 24 12.62 -2.64 20.66
C VAL B 24 12.04 -3.06 19.32
N ILE B 25 10.84 -2.56 18.98
CA ILE B 25 10.30 -2.81 17.65
C ILE B 25 11.27 -2.32 16.57
N ALA B 26 11.68 -1.05 16.67
CA ALA B 26 12.54 -0.49 15.63
C ALA B 26 13.91 -1.15 15.61
N GLN B 27 14.45 -1.49 16.78
CA GLN B 27 15.72 -2.20 16.80
C GLN B 27 15.55 -3.60 16.22
N ALA B 28 14.43 -4.24 16.48
CA ALA B 28 14.30 -5.63 16.12
C ALA B 28 13.96 -5.81 14.65
N VAL B 29 13.03 -5.02 14.13
CA VAL B 29 12.75 -5.07 12.70
C VAL B 29 14.01 -4.77 11.90
N SER B 30 14.66 -3.63 12.15
CA SER B 30 15.81 -3.28 11.34
C SER B 30 16.93 -4.29 11.49
N LYS B 31 17.08 -4.90 12.67
CA LYS B 31 18.08 -5.96 12.81
C LYS B 31 17.66 -7.18 12.01
N THR B 32 16.37 -7.48 11.98
CA THR B 32 15.90 -8.62 11.20
C THR B 32 16.10 -8.38 9.70
N ILE B 33 15.75 -7.19 9.20
CA ILE B 33 15.72 -6.92 7.76
C ILE B 33 16.99 -6.29 7.20
N PHE B 34 17.48 -5.21 7.85
CA PHE B 34 18.70 -4.55 7.40
C PHE B 34 19.91 -5.43 7.71
N GLY B 35 19.92 -6.12 8.85
CA GLY B 35 21.06 -6.93 9.28
C GLY B 35 21.82 -6.36 10.49
N ARG B 36 21.56 -5.10 10.82
CA ARG B 36 22.12 -4.43 11.97
C ARG B 36 21.07 -3.43 12.41
N GLN B 37 21.11 -3.03 13.68
CA GLN B 37 20.13 -2.03 14.09
C GLN B 37 20.34 -0.76 13.28
N SER B 38 19.26 0.01 13.11
CA SER B 38 19.36 1.22 12.30
C SER B 38 18.08 1.91 12.73
N VAL B 39 18.22 2.99 13.51
CA VAL B 39 17.11 3.55 14.25
C VAL B 39 17.40 5.03 14.45
N TYR B 40 16.52 5.89 13.93
CA TYR B 40 16.62 7.31 14.16
C TYR B 40 15.51 7.70 15.13
N SER B 41 15.89 8.35 16.23
CA SER B 41 14.92 8.89 17.18
C SER B 41 14.79 10.38 16.91
N LEU B 42 13.60 10.78 16.48
CA LEU B 42 13.36 12.16 16.15
C LEU B 42 13.36 12.97 17.44
N PRO B 43 14.18 14.01 17.56
CA PRO B 43 14.11 14.88 18.74
C PRO B 43 12.79 15.60 18.80
N PRO B 44 11.97 15.33 19.83
CA PRO B 44 10.75 16.11 20.00
C PRO B 44 11.11 17.55 20.33
N ASP B 45 10.20 18.45 19.96
CA ASP B 45 10.45 19.89 20.02
C ASP B 45 11.60 20.35 19.13
N SER B 46 11.62 19.83 17.91
CA SER B 46 12.63 20.20 16.93
C SER B 46 11.98 20.18 15.55
N ASP B 47 11.88 21.37 14.92
CA ASP B 47 11.50 21.43 13.52
C ASP B 47 12.55 20.72 12.69
N PHE B 48 13.79 20.73 13.15
CA PHE B 48 14.94 20.25 12.39
C PHE B 48 15.21 18.78 12.73
N PHE B 49 15.35 17.96 11.70
CA PHE B 49 15.69 16.55 11.85
C PHE B 49 17.21 16.48 11.96
N ASP B 50 17.78 17.01 13.03
CA ASP B 50 19.21 17.09 13.20
C ASP B 50 19.66 15.66 13.48
N GLY B 51 20.63 15.20 12.70
CA GLY B 51 21.16 13.86 12.87
C GLY B 51 20.48 12.79 12.06
N TYR B 52 19.58 13.15 11.15
CA TYR B 52 19.03 12.14 10.27
C TYR B 52 20.11 11.65 9.33
N GLU B 53 20.38 10.35 9.40
CA GLU B 53 21.36 9.70 8.54
C GLU B 53 20.74 8.58 7.72
N ASN B 54 19.46 8.72 7.40
CA ASN B 54 18.74 7.81 6.52
C ASN B 54 18.65 6.43 7.16
N GLN B 55 18.56 6.42 8.48
CA GLN B 55 18.31 5.21 9.24
C GLN B 55 17.07 4.47 8.72
N PHE B 56 17.13 3.15 8.81
CA PHE B 56 16.01 2.31 8.41
C PHE B 56 14.72 2.68 9.15
N ALA B 57 14.73 2.58 10.46
CA ALA B 57 13.56 2.90 11.26
C ALA B 57 13.72 4.28 11.88
N ALA B 58 12.62 5.00 11.96
CA ALA B 58 12.57 6.30 12.62
C ALA B 58 11.45 6.26 13.64
N ILE B 59 11.71 6.76 14.85
CA ILE B 59 10.73 6.76 15.93
C ILE B 59 10.31 8.19 16.26
N MET B 60 9.02 8.36 16.55
CA MET B 60 8.43 9.62 16.93
C MET B 60 7.83 9.49 18.31
N ASP B 61 8.43 10.15 19.29
CA ASP B 61 7.96 10.08 20.66
C ASP B 61 6.88 11.11 20.91
N ASP B 62 5.70 10.66 21.30
CA ASP B 62 4.59 11.51 21.72
C ASP B 62 3.94 12.35 20.63
N LEU B 63 3.56 11.73 19.52
CA LEU B 63 2.70 12.40 18.55
C LEU B 63 1.46 12.95 19.24
N GLY B 64 1.13 14.21 18.95
CA GLY B 64 -0.05 14.77 19.56
C GLY B 64 0.21 15.90 20.53
N GLN B 65 1.17 16.77 20.21
CA GLN B 65 1.53 17.83 21.14
C GLN B 65 1.76 19.11 20.40
N ASN B 66 2.25 20.14 21.08
CA ASN B 66 2.46 21.46 20.46
C ASN B 66 1.26 21.92 19.68
N PRO B 67 0.07 21.90 20.32
CA PRO B 67 -1.18 22.22 19.61
C PRO B 67 -1.07 23.03 18.34
N GLY B 69 0.93 22.78 15.28
CA GLY B 69 0.72 21.35 15.13
C GLY B 69 1.88 20.82 14.34
N SER B 70 3.09 21.17 14.77
CA SER B 70 4.28 20.75 14.07
C SER B 70 4.35 19.27 13.84
N ASP B 71 4.38 18.51 14.93
CA ASP B 71 4.52 17.07 14.82
C ASP B 71 3.46 16.42 13.93
N PHE B 72 2.22 16.82 14.06
CA PHE B 72 1.11 16.24 13.31
C PHE B 72 1.36 16.33 11.80
N THR B 73 1.98 17.43 11.36
CA THR B 73 2.25 17.65 9.94
C THR B 73 3.62 17.12 9.52
N THR B 74 4.67 17.33 10.32
CA THR B 74 5.92 16.60 10.12
C THR B 74 5.69 15.11 10.06
N PHE B 75 4.64 14.61 10.71
CA PHE B 75 4.22 13.23 10.52
C PHE B 75 3.73 12.98 9.09
N CYS B 76 2.67 13.70 8.68
CA CYS B 76 2.06 13.43 7.37
C CYS B 76 3.05 13.65 6.22
N GLN B 77 4.08 14.47 6.42
CA GLN B 77 5.17 14.59 5.46
C GLN B 77 5.94 13.27 5.40
N MET B 78 6.50 12.86 6.54
CA MET B 78 7.28 11.63 6.68
C MET B 78 6.65 10.45 5.95
N VAL B 79 5.33 10.28 6.07
CA VAL B 79 4.61 9.22 5.36
C VAL B 79 4.11 9.78 4.04
N SER B 80 4.93 9.66 3.00
CA SER B 80 4.57 10.20 1.69
C SER B 80 5.24 9.42 0.58
N THR B 81 4.51 9.24 -0.52
CA THR B 81 5.10 8.70 -1.74
C THR B 81 6.20 9.62 -2.25
N THR B 82 5.95 10.93 -2.24
CA THR B 82 6.92 11.95 -2.64
C THR B 82 8.11 12.05 -1.69
N ASN B 83 9.13 12.83 -2.04
CA ASN B 83 10.40 12.85 -1.33
C ASN B 83 10.51 14.03 -0.36
N PHE B 84 10.26 13.76 0.92
CA PHE B 84 10.29 14.79 1.94
C PHE B 84 11.72 15.30 2.17
N LEU B 85 11.87 16.62 2.17
CA LEU B 85 13.13 17.27 2.50
C LEU B 85 13.01 17.95 3.86
N PRO B 86 13.56 17.39 4.93
CA PRO B 86 13.45 18.03 6.24
C PRO B 86 14.45 19.17 6.44
N ASN B 87 14.12 20.05 7.39
CA ASN B 87 15.02 21.12 7.80
C ASN B 87 16.15 20.57 8.65
N MET B 88 17.34 21.15 8.47
CA MET B 88 18.50 20.74 9.27
C MET B 88 19.33 21.96 9.70
N GLY B 95 16.93 19.19 3.72
CA GLY B 95 17.83 19.09 2.58
C GLY B 95 17.88 17.71 1.98
N THR B 96 18.10 16.69 2.83
CA THR B 96 18.29 15.29 2.49
C THR B 96 16.95 14.56 2.41
N PRO B 97 16.80 13.62 1.46
CA PRO B 97 15.53 12.89 1.36
C PRO B 97 15.26 12.07 2.61
N PHE B 98 13.98 11.82 2.86
CA PHE B 98 13.58 10.90 3.92
C PHE B 98 13.38 9.52 3.31
N THR B 99 14.13 8.53 3.80
CA THR B 99 14.22 7.23 3.14
C THR B 99 13.92 6.07 4.09
N SER B 100 13.26 6.32 5.21
CA SER B 100 13.08 5.28 6.20
C SER B 100 11.95 4.35 5.79
N GLN B 101 12.17 3.05 5.94
CA GLN B 101 11.15 2.09 5.55
C GLN B 101 10.14 1.80 6.65
N LEU B 102 10.44 2.16 7.89
CA LEU B 102 9.57 1.90 9.02
C LEU B 102 9.48 3.15 9.87
N VAL B 103 8.26 3.50 10.27
CA VAL B 103 8.02 4.64 11.15
C VAL B 103 7.19 4.17 12.34
N VAL B 104 7.74 4.31 13.55
CA VAL B 104 7.01 4.00 14.78
C VAL B 104 6.66 5.33 15.42
N ALA B 105 5.38 5.51 15.75
CA ALA B 105 4.93 6.73 16.41
C ALA B 105 4.11 6.36 17.65
N THR B 106 4.55 6.82 18.83
CA THR B 106 3.78 6.65 20.06
C THR B 106 2.92 7.87 20.29
N THR B 107 1.78 7.66 20.94
CA THR B 107 0.84 8.73 21.17
C THR B 107 0.01 8.43 22.42
N ASN B 108 -0.64 9.45 22.94
CA ASN B 108 -1.44 9.27 24.15
C ASN B 108 -2.92 9.12 23.90
N LEU B 109 -3.43 9.66 22.79
CA LEU B 109 -4.85 9.73 22.46
C LEU B 109 -5.43 8.34 22.22
N PRO B 110 -6.79 8.17 22.26
CA PRO B 110 -7.38 6.90 21.80
C PRO B 110 -7.80 6.91 20.33
N GLU B 111 -8.04 8.11 19.78
CA GLU B 111 -8.27 8.28 18.36
C GLU B 111 -7.58 9.57 17.92
N PHE B 112 -7.47 9.76 16.61
CA PHE B 112 -6.78 10.91 16.03
C PHE B 112 -7.75 11.77 15.25
N ARG B 113 -7.73 13.07 15.53
CA ARG B 113 -8.46 14.06 14.73
C ARG B 113 -7.62 15.35 14.76
N PRO B 114 -6.48 15.37 14.02
CA PRO B 114 -5.56 16.53 14.08
C PRO B 114 -6.14 17.89 13.70
N VAL B 115 -5.57 18.96 14.27
CA VAL B 115 -6.06 20.31 14.03
C VAL B 115 -5.40 21.07 12.88
N THR B 116 -4.24 20.61 12.42
CA THR B 116 -3.59 21.22 11.27
C THR B 116 -4.01 20.41 10.08
N ILE B 117 -3.99 19.09 10.24
CA ILE B 117 -4.43 18.22 9.17
C ILE B 117 -5.95 18.18 9.16
N ALA B 118 -6.57 19.11 8.44
CA ALA B 118 -8.02 19.18 8.38
C ALA B 118 -8.58 17.83 7.98
N HIS B 119 -8.10 17.29 6.86
CA HIS B 119 -8.54 15.95 6.49
C HIS B 119 -7.74 14.93 7.30
N TYR B 120 -8.24 14.58 8.48
CA TYR B 120 -7.61 13.52 9.28
C TYR B 120 -8.03 12.12 8.85
N PRO B 121 -8.91 11.93 7.86
CA PRO B 121 -9.06 10.60 7.25
C PRO B 121 -8.07 10.42 6.09
N ALA B 122 -7.16 11.37 5.86
CA ALA B 122 -6.04 11.11 4.96
C ALA B 122 -4.87 10.46 5.68
N VAL B 123 -4.73 10.72 6.98
CA VAL B 123 -3.71 10.10 7.80
C VAL B 123 -3.95 8.60 7.96
N GLU B 124 -5.20 8.15 7.82
CA GLU B 124 -5.58 6.83 8.29
C GLU B 124 -5.27 5.70 7.32
N ARG B 125 -5.31 5.92 6.01
CA ARG B 125 -4.81 4.87 5.15
C ARG B 125 -3.30 4.76 5.26
N ARG B 126 -2.62 5.84 5.70
CA ARG B 126 -1.19 5.92 6.00
C ARG B 126 -0.77 5.13 7.22
N ILE B 127 -1.63 4.57 8.07
CA ILE B 127 -1.21 3.82 9.25
C ILE B 127 -1.39 2.31 9.10
N THR B 128 -0.28 1.58 8.90
CA THR B 128 -0.37 0.16 8.59
C THR B 128 -0.95 -0.63 9.76
N PHE B 129 -0.42 -0.40 10.95
CA PHE B 129 -0.80 -1.11 12.15
C PHE B 129 -1.06 -0.08 13.22
N ASP B 130 -2.13 -0.28 14.00
CA ASP B 130 -2.56 0.71 15.00
C ASP B 130 -2.82 -0.06 16.30
N TYR B 131 -1.88 0.02 17.22
CA TYR B 131 -1.88 -0.81 18.42
C TYR B 131 -2.12 0.03 19.67
N SER B 132 -2.62 -0.63 20.70
CA SER B 132 -2.75 -0.01 22.01
C SER B 132 -1.98 -0.87 23.00
N VAL B 133 -0.99 -0.27 23.67
CA VAL B 133 -0.05 -1.00 24.50
C VAL B 133 -0.52 -0.96 25.95
N SER B 134 -0.30 -2.05 26.67
CA SER B 134 -0.52 -2.06 28.11
C SER B 134 0.23 -3.23 28.73
N ALA B 135 0.65 -3.05 29.98
CA ALA B 135 1.32 -4.13 30.68
C ALA B 135 0.43 -5.36 30.72
N GLY B 136 1.05 -6.52 30.71
CA GLY B 136 0.32 -7.76 30.78
C GLY B 136 0.05 -8.15 32.22
N PRO B 137 -0.83 -9.14 32.40
CA PRO B 137 -1.19 -9.58 33.76
C PRO B 137 0.00 -9.94 34.64
N VAL B 138 0.99 -10.62 34.10
CA VAL B 138 2.10 -11.10 34.91
C VAL B 138 3.15 -10.02 35.18
N CYS B 139 3.05 -8.86 34.52
CA CYS B 139 4.08 -7.84 34.60
C CYS B 139 3.55 -6.47 34.96
N SER B 140 2.42 -6.42 35.64
CA SER B 140 1.80 -5.16 36.05
C SER B 140 1.85 -5.02 37.57
N LYS B 141 2.81 -4.25 38.05
CA LYS B 141 2.83 -3.86 39.46
C LYS B 141 2.05 -2.56 39.62
N THR B 142 1.66 -2.28 40.86
CA THR B 142 1.04 -1.02 41.23
C THR B 142 2.13 -0.11 41.81
N GLU B 143 2.35 1.04 41.17
CA GLU B 143 3.38 1.99 41.58
C GLU B 143 2.70 3.32 41.94
N ALA B 144 2.56 3.57 43.25
CA ALA B 144 1.95 4.78 43.80
C ALA B 144 0.49 4.92 43.37
N GLY B 145 -0.26 3.82 43.45
CA GLY B 145 -1.68 3.85 43.19
C GLY B 145 -2.07 3.78 41.74
N TYR B 146 -1.13 3.55 40.84
CA TYR B 146 -1.40 3.42 39.41
C TYR B 146 -0.74 2.13 38.94
N LYS B 147 -1.26 1.59 37.83
CA LYS B 147 -0.77 0.34 37.26
C LYS B 147 0.20 0.64 36.12
N VAL B 148 1.43 0.11 36.23
CA VAL B 148 2.51 0.36 35.29
C VAL B 148 3.22 -0.95 34.99
N LEU B 149 4.18 -0.91 34.06
CA LEU B 149 4.90 -2.11 33.63
C LEU B 149 6.07 -2.38 34.56
N ASP B 150 6.11 -3.56 35.15
CA ASP B 150 7.27 -3.98 35.94
C ASP B 150 8.32 -4.35 34.90
N VAL B 151 9.17 -3.36 34.58
CA VAL B 151 10.16 -3.49 33.51
C VAL B 151 11.19 -4.54 33.92
N GLU B 152 11.64 -4.50 35.17
CA GLU B 152 12.70 -5.41 35.58
C GLU B 152 12.26 -6.86 35.43
N ARG B 153 11.02 -7.16 35.80
CA ARG B 153 10.47 -8.48 35.51
C ARG B 153 10.36 -8.70 34.01
N ALA B 154 9.99 -7.65 33.26
CA ALA B 154 9.70 -7.83 31.84
C ALA B 154 10.94 -8.27 31.07
N PHE B 155 12.11 -7.82 31.48
CA PHE B 155 13.31 -8.09 30.71
C PHE B 155 14.18 -9.17 31.34
N ARG B 156 13.67 -9.91 32.32
CA ARG B 156 14.44 -10.98 32.92
C ARG B 156 14.54 -12.14 31.94
N PRO B 157 15.72 -12.55 31.54
CA PRO B 157 15.87 -13.68 30.61
C PRO B 157 15.08 -14.92 31.03
N THR B 158 14.34 -15.49 30.07
CA THR B 158 13.56 -16.69 30.28
C THR B 158 14.03 -17.86 29.42
N GLY B 159 14.99 -17.65 28.54
CA GLY B 159 15.43 -18.73 27.68
C GLY B 159 15.73 -18.30 26.26
N GLU B 160 15.63 -19.24 25.33
CA GLU B 160 16.07 -19.00 23.96
C GLU B 160 15.26 -17.87 23.34
N ALA B 161 15.95 -17.00 22.62
CA ALA B 161 15.26 -15.97 21.86
C ALA B 161 14.17 -16.60 21.00
N PRO B 162 12.99 -16.01 20.91
CA PRO B 162 11.96 -16.56 20.01
C PRO B 162 12.16 -16.15 18.56
N LEU B 163 13.04 -15.18 18.29
CA LEU B 163 13.49 -14.79 16.96
C LEU B 163 14.98 -14.48 17.06
N PRO B 164 15.75 -14.70 15.99
CA PRO B 164 17.21 -14.59 16.11
C PRO B 164 17.70 -13.20 16.43
N CYS B 165 16.90 -12.17 16.27
CA CYS B 165 17.43 -10.84 16.51
C CYS B 165 17.36 -10.48 17.99
N PHE B 166 16.75 -11.33 18.80
CA PHE B 166 16.85 -11.18 20.23
C PHE B 166 18.01 -12.06 20.66
N GLN B 167 18.61 -11.74 21.82
CA GLN B 167 19.62 -12.62 22.40
C GLN B 167 19.07 -13.50 23.50
N ASN B 168 17.82 -13.32 23.88
CA ASN B 168 17.14 -14.22 24.80
C ASN B 168 15.67 -13.88 24.78
N ASN B 169 14.85 -14.71 25.43
CA ASN B 169 13.42 -14.44 25.55
C ASN B 169 13.23 -13.75 26.86
N CYS B 170 12.15 -13.00 26.99
CA CYS B 170 11.85 -12.32 28.21
C CYS B 170 10.35 -12.13 28.14
N LEU B 171 9.73 -11.67 29.21
CA LEU B 171 8.28 -11.56 29.23
C LEU B 171 7.85 -10.39 28.40
N PHE B 172 8.71 -9.41 28.26
CA PHE B 172 8.42 -8.31 27.36
C PHE B 172 7.94 -8.83 26.00
N LEU B 173 8.58 -9.88 25.50
CA LEU B 173 8.22 -10.43 24.22
C LEU B 173 6.87 -11.14 24.23
N GLU B 174 6.30 -11.43 25.39
CA GLU B 174 5.05 -12.18 25.42
C GLU B 174 3.85 -11.30 25.72
N LYS B 175 2.66 -11.83 25.50
CA LYS B 175 1.47 -11.08 25.82
C LYS B 175 1.05 -11.28 27.27
N ALA B 176 1.77 -12.09 28.03
CA ALA B 176 1.60 -12.04 29.47
C ALA B 176 2.39 -10.89 30.08
N GLY B 177 3.39 -10.41 29.36
CA GLY B 177 4.24 -9.38 29.90
C GLY B 177 3.76 -8.04 29.39
N LEU B 178 3.43 -7.98 28.11
CA LEU B 178 3.12 -6.71 27.46
C LEU B 178 2.18 -6.96 26.29
N GLN B 179 1.08 -6.21 26.23
CA GLN B 179 -0.02 -6.52 25.33
C GLN B 179 -0.26 -5.42 24.32
N PHE B 180 -0.52 -5.85 23.09
CA PHE B 180 -0.81 -4.97 21.95
C PHE B 180 -2.19 -5.34 21.42
N ARG B 181 -3.17 -4.45 21.60
CA ARG B 181 -4.47 -4.60 20.97
C ARG B 181 -4.39 -3.95 19.60
N ASP B 182 -4.35 -4.78 18.56
CA ASP B 182 -4.68 -4.30 17.23
C ASP B 182 -5.93 -3.47 17.41
N ASN B 183 -5.90 -2.22 16.96
CA ASN B 183 -7.04 -1.34 17.18
C ASN B 183 -8.03 -1.48 16.04
N ARG B 184 -7.76 -2.36 15.07
CA ARG B 184 -8.70 -2.62 13.99
C ARG B 184 -9.33 -4.01 14.03
N THR B 185 -8.59 -5.04 14.42
CA THR B 185 -9.18 -6.36 14.55
C THR B 185 -9.49 -6.71 16.00
N LYS B 186 -9.40 -5.73 16.90
CA LYS B 186 -9.56 -5.90 18.35
C LYS B 186 -8.96 -7.23 18.77
N GLU B 187 -7.80 -7.54 18.23
CA GLU B 187 -7.08 -8.79 18.43
C GLU B 187 -5.91 -8.42 19.33
N ILE B 188 -5.51 -9.33 20.21
CA ILE B 188 -4.56 -9.00 21.27
C ILE B 188 -3.36 -9.91 21.13
N ILE B 189 -2.21 -9.31 20.82
CA ILE B 189 -1.03 -10.01 20.35
C ILE B 189 0.21 -9.55 21.12
N SER B 190 1.28 -10.33 20.98
CA SER B 190 2.54 -10.05 21.67
C SER B 190 3.39 -9.07 20.87
N LEU B 191 4.40 -8.49 21.54
CA LEU B 191 5.42 -7.70 20.85
C LEU B 191 6.06 -8.50 19.73
N VAL B 192 6.29 -9.79 19.95
CA VAL B 192 6.87 -10.58 18.87
C VAL B 192 5.92 -10.62 17.67
N ASP B 193 4.65 -10.92 17.89
CA ASP B 193 3.64 -10.81 16.82
C ASP B 193 3.77 -9.48 16.08
N VAL B 194 3.86 -8.37 16.81
CA VAL B 194 3.95 -7.08 16.14
C VAL B 194 5.18 -7.06 15.23
N ILE B 195 6.32 -7.49 15.74
CA ILE B 195 7.54 -7.43 14.96
C ILE B 195 7.42 -8.32 13.73
N GLU B 196 6.83 -9.51 13.89
CA GLU B 196 6.74 -10.43 12.77
C GLU B 196 5.85 -9.84 11.69
N ARG B 197 4.71 -9.25 12.09
CA ARG B 197 3.79 -8.70 11.11
C ARG B 197 4.40 -7.50 10.40
N ALA B 198 5.21 -6.71 11.10
CA ALA B 198 5.81 -5.55 10.45
C ALA B 198 6.90 -5.95 9.50
N VAL B 199 7.55 -7.08 9.73
CA VAL B 199 8.57 -7.55 8.81
C VAL B 199 7.92 -8.07 7.54
N ALA B 200 6.92 -8.95 7.70
CA ALA B 200 6.12 -9.45 6.60
C ALA B 200 5.72 -8.35 5.63
N ARG B 201 5.16 -7.26 6.16
CA ARG B 201 4.74 -6.15 5.31
C ARG B 201 5.92 -5.53 4.60
N ILE B 202 6.90 -5.05 5.37
CA ILE B 202 8.06 -4.39 4.78
C ILE B 202 8.61 -5.25 3.64
N GLU B 203 8.77 -6.56 3.91
CA GLU B 203 9.29 -7.47 2.90
C GLU B 203 8.31 -7.69 1.75
N ARG B 204 7.03 -7.84 2.05
CA ARG B 204 6.04 -7.91 0.98
C ARG B 204 6.10 -6.66 0.10
N LYS B 205 6.16 -5.48 0.71
CA LYS B 205 6.28 -4.25 -0.06
C LYS B 205 7.49 -4.28 -1.00
N LYS B 206 8.69 -4.55 -0.45
CA LYS B 206 9.91 -4.57 -1.26
C LYS B 206 9.74 -5.48 -2.46
N LYS B 207 9.21 -6.68 -2.23
CA LYS B 207 9.17 -7.68 -3.27
C LYS B 207 8.15 -7.27 -4.35
N VAL B 208 7.01 -6.70 -3.95
CA VAL B 208 6.12 -6.10 -4.94
C VAL B 208 6.82 -5.00 -5.72
N LEU B 209 7.49 -4.09 -5.01
CA LEU B 209 8.12 -2.96 -5.69
C LEU B 209 9.10 -3.42 -6.77
N THR B 210 9.88 -4.46 -6.46
CA THR B 210 10.80 -5.00 -7.45
C THR B 210 10.03 -5.48 -8.65
N THR B 211 8.93 -6.18 -8.41
CA THR B 211 8.12 -6.66 -9.52
C THR B 211 7.65 -5.50 -10.38
N VAL B 212 7.04 -4.49 -9.76
CA VAL B 212 6.53 -3.35 -10.52
C VAL B 212 7.63 -2.64 -11.31
N GLN B 213 8.88 -2.76 -10.89
CA GLN B 213 9.96 -2.07 -11.56
C GLN B 213 10.68 -2.93 -12.57
N THR B 214 10.71 -4.22 -12.37
CA THR B 214 11.22 -5.15 -13.36
C THR B 214 10.06 -5.96 -13.96
N LEU B 215 10.36 -7.12 -14.53
CA LEU B 215 9.32 -8.06 -14.99
C LEU B 215 8.54 -7.67 -16.23
N VAL B 216 7.91 -6.48 -16.26
CA VAL B 216 7.49 -5.94 -17.55
C VAL B 216 8.71 -5.21 -18.09
N ALA B 217 9.05 -5.49 -19.36
CA ALA B 217 10.14 -4.78 -19.99
C ALA B 217 9.75 -3.33 -20.22
N GLN B 218 10.76 -2.47 -20.21
CA GLN B 218 10.64 -1.04 -19.91
C GLN B 218 10.11 -0.16 -21.04
PG ATP C . -0.90 -5.70 -1.12
O1G ATP C . -1.90 -5.34 -0.05
O2G ATP C . -0.42 -7.12 -1.04
O3G ATP C . 0.22 -4.70 -1.26
PB ATP C . -2.08 -4.37 -3.31
O1B ATP C . -0.81 -3.68 -3.77
O2B ATP C . -3.09 -4.71 -4.37
O3B ATP C . -1.72 -5.70 -2.51
PA ATP C . -4.36 -3.79 -1.79
O1A ATP C . -4.74 -5.21 -2.10
O2A ATP C . -5.21 -2.66 -2.33
O3A ATP C . -2.83 -3.50 -2.20
O5' ATP C . -4.33 -3.62 -0.19
C5' ATP C . -5.19 -2.68 0.45
C4' ATP C . -4.45 -1.99 1.58
O4' ATP C . -4.67 -2.65 2.83
C3' ATP C . -2.96 -1.95 1.34
O3' ATP C . -2.53 -0.60 1.17
C2' ATP C . -2.31 -2.56 2.56
O2' ATP C . -1.58 -1.54 3.25
C1' ATP C . -3.44 -3.05 3.45
N9 ATP C . -3.44 -4.52 3.55
C8 ATP C . -2.56 -5.39 3.01
N7 ATP C . -2.88 -6.67 3.32
C5 ATP C . -3.98 -6.63 4.09
C6 ATP C . -4.85 -7.61 4.75
N6 ATP C . -4.59 -8.93 4.67
N1 ATP C . -5.90 -7.16 5.46
C2 ATP C . -6.18 -5.85 5.56
N3 ATP C . -5.44 -4.90 4.98
C4 ATP C . -4.34 -5.22 4.23
#